data_5E0J
#
_entry.id   5E0J
#
_cell.length_a   66.666
_cell.length_b   37.159
_cell.length_c   61.859
_cell.angle_alpha   90.000
_cell.angle_beta   110.040
_cell.angle_gamma   90.000
#
_symmetry.space_group_name_H-M   'C 1 2 1'
#
loop_
_entity.id
_entity.type
_entity.pdbx_description
1 polymer 'Norovirus 3C-like protease'
2 non-polymer 'CHLORIDE ION'
3 non-polymer '(phenylmethyl) ~{N}-[(12~{S},15~{S},18~{S})-15-(cyclohexylmethyl)-12-(hydroxymethyl)-9,14,17-tris(oxidanylidene)-1,8,13,16,21,22-hexazabicyclo[18.2.1]tricosa-20(23),21-dien-18-yl]carbamate'
4 water water
#
_entity_poly.entity_id   1
_entity_poly.type   'polypeptide(L)'
_entity_poly.pdbx_seq_one_letter_code
;MHHHHHHAPPTLWSRVTKFGSGWGFWVSPTVFITTTHVVPTGVKEFFGEPLSSIAIHQAGEFTQFRFSKKMRPDLTGMVL
EEGCPEGTVCSVLIKRDSGELLPLAVRMGAIASMRIQGRLVHGQSGMLLTGANAKGMDLGTIPGDCGAPYVHKRGNDWVV
CGVHAAATKSGNTVVCAVQAGEGETALE
;
_entity_poly.pdbx_strand_id   A
#
loop_
_chem_comp.id
_chem_comp.type
_chem_comp.name
_chem_comp.formula
5LJ peptide-like '(phenylmethyl) ~{N}-[(12~{S},15~{S},18~{S})-15-(cyclohexylmethyl)-12-(hydroxymethyl)-9,14,17-tris(oxidanylidene)-1,8,13,16,21,22-hexazabicyclo[18.2.1]tricosa-20(23),21-dien-18-yl]carbamate' 'C33 H49 N7 O6'
CL non-polymer 'CHLORIDE ION' 'Cl -1'
#
# COMPACT_ATOMS: atom_id res chain seq x y z
N HIS A 7 -14.57 -5.22 5.16
CA HIS A 7 -15.84 -4.47 5.00
C HIS A 7 -15.59 -3.13 4.30
N ALA A 8 -14.50 -3.08 3.53
CA ALA A 8 -14.09 -1.84 2.91
C ALA A 8 -15.11 -1.40 1.85
N PRO A 9 -15.53 -0.14 1.84
CA PRO A 9 -16.57 0.29 0.89
C PRO A 9 -16.02 0.43 -0.53
N PRO A 10 -16.91 0.47 -1.53
CA PRO A 10 -16.44 0.66 -2.91
C PRO A 10 -15.60 1.92 -3.11
N THR A 11 -15.91 3.02 -2.40
CA THR A 11 -15.10 4.22 -2.56
C THR A 11 -13.66 3.96 -2.14
N LEU A 12 -13.46 3.13 -1.12
CA LEU A 12 -12.11 2.80 -0.66
C LEU A 12 -11.35 2.04 -1.75
N TRP A 13 -11.97 1.04 -2.35
CA TRP A 13 -11.33 0.26 -3.41
C TRP A 13 -11.07 1.09 -4.69
N SER A 14 -11.93 2.07 -4.98
CA SER A 14 -11.72 2.93 -6.16
C SER A 14 -10.40 3.71 -6.09
N ARG A 15 -9.79 3.77 -4.92
CA ARG A 15 -8.52 4.44 -4.71
C ARG A 15 -7.33 3.60 -5.16
N VAL A 16 -7.52 2.28 -5.28
CA VAL A 16 -6.43 1.37 -5.61
C VAL A 16 -6.26 1.37 -7.13
N THR A 17 -5.06 1.68 -7.59
CA THR A 17 -4.82 2.03 -8.98
C THR A 17 -3.58 1.33 -9.51
N LYS A 18 -3.66 0.75 -10.70
CA LYS A 18 -2.47 0.18 -11.32
C LYS A 18 -1.43 1.28 -11.55
N PHE A 19 -0.17 0.97 -11.29
CA PHE A 19 0.87 1.98 -11.44
C PHE A 19 2.20 1.29 -11.62
N GLY A 20 2.92 1.67 -12.67
CA GLY A 20 4.21 1.09 -12.91
C GLY A 20 4.10 -0.41 -13.00
N SER A 21 4.98 -1.12 -12.30
CA SER A 21 4.94 -2.57 -12.27
C SER A 21 4.09 -3.12 -11.13
N GLY A 22 3.27 -2.28 -10.52
CA GLY A 22 2.43 -2.72 -9.43
C GLY A 22 1.21 -1.87 -9.29
N TRP A 23 0.99 -1.34 -8.09
CA TRP A 23 -0.22 -0.62 -7.73
C TRP A 23 0.15 0.53 -6.82
N GLY A 24 -0.79 1.45 -6.64
CA GLY A 24 -0.71 2.46 -5.61
C GLY A 24 -2.08 2.85 -5.14
N PHE A 25 -2.15 3.89 -4.31
CA PHE A 25 -3.38 4.22 -3.61
C PHE A 25 -3.54 5.72 -3.47
N TRP A 26 -4.72 6.22 -3.82
CA TRP A 26 -5.08 7.63 -3.60
C TRP A 26 -5.55 7.84 -2.17
N VAL A 27 -4.71 8.52 -1.39
CA VAL A 27 -5.06 8.95 -0.03
C VAL A 27 -6.08 10.08 -0.05
N SER A 28 -6.02 10.92 -1.07
CA SER A 28 -6.87 12.11 -1.18
C SER A 28 -6.88 12.51 -2.65
N PRO A 29 -7.59 13.57 -3.02
CA PRO A 29 -7.58 13.99 -4.43
C PRO A 29 -6.20 14.32 -4.95
N THR A 30 -5.27 14.68 -4.10
CA THR A 30 -3.95 15.13 -4.52
C THR A 30 -2.81 14.23 -4.12
N VAL A 31 -3.02 13.24 -3.23
CA VAL A 31 -1.92 12.44 -2.68
C VAL A 31 -2.05 10.99 -3.10
N PHE A 32 -1.00 10.45 -3.72
CA PHE A 32 -0.92 9.07 -4.17
C PHE A 32 0.30 8.43 -3.53
N ILE A 33 0.13 7.21 -3.01
CA ILE A 33 1.23 6.49 -2.40
C ILE A 33 1.45 5.15 -3.09
N THR A 34 2.70 4.70 -3.09
CA THR A 34 3.08 3.45 -3.72
C THR A 34 4.39 3.00 -3.11
N THR A 35 4.85 1.84 -3.55
CA THR A 35 6.16 1.31 -3.14
CA THR A 35 6.17 1.34 -3.14
C THR A 35 7.19 1.76 -4.16
N THR A 36 8.32 2.26 -3.69
CA THR A 36 9.27 2.92 -4.59
C THR A 36 9.69 2.02 -5.74
N HIS A 37 9.94 0.74 -5.47
CA HIS A 37 10.51 -0.10 -6.52
C HIS A 37 9.55 -0.36 -7.67
N VAL A 38 8.25 -0.08 -7.54
CA VAL A 38 7.35 -0.26 -8.69
C VAL A 38 7.21 0.99 -9.53
N VAL A 39 7.75 2.12 -9.09
CA VAL A 39 7.62 3.39 -9.82
C VAL A 39 8.37 3.29 -11.15
N PRO A 40 7.78 3.71 -12.26
CA PRO A 40 8.50 3.66 -13.54
C PRO A 40 9.60 4.69 -13.57
N THR A 41 10.70 4.34 -14.23
CA THR A 41 11.81 5.26 -14.43
C THR A 41 11.84 5.75 -15.87
N GLY A 42 12.58 6.83 -16.08
CA GLY A 42 12.72 7.38 -17.41
C GLY A 42 11.43 7.94 -17.98
N VAL A 43 10.57 8.48 -17.12
CA VAL A 43 9.29 9.05 -17.55
C VAL A 43 9.31 10.53 -17.27
N LYS A 44 8.49 11.25 -18.03
CA LYS A 44 8.39 12.70 -17.92
C LYS A 44 7.14 13.15 -17.17
N GLU A 45 6.31 12.21 -16.77
CA GLU A 45 5.06 12.52 -16.11
C GLU A 45 4.62 11.31 -15.33
N PHE A 46 3.78 11.57 -14.33
CA PHE A 46 3.01 10.54 -13.66
C PHE A 46 1.55 10.96 -13.81
N PHE A 47 0.71 10.07 -14.30
CA PHE A 47 -0.71 10.32 -14.51
C PHE A 47 -0.93 11.60 -15.33
N GLY A 48 -0.04 11.86 -16.28
CA GLY A 48 -0.17 12.99 -17.18
C GLY A 48 0.33 14.30 -16.62
N GLU A 49 0.82 14.33 -15.41
CA GLU A 49 1.28 15.57 -14.79
C GLU A 49 2.79 15.64 -14.87
N PRO A 50 3.35 16.80 -15.25
CA PRO A 50 4.80 16.93 -15.34
C PRO A 50 5.46 16.78 -13.97
N LEU A 51 6.68 16.25 -13.98
CA LEU A 51 7.44 16.13 -12.74
C LEU A 51 7.56 17.46 -12.01
N SER A 52 7.65 18.56 -12.75
CA SER A 52 7.82 19.86 -12.10
C SER A 52 6.62 20.22 -11.23
N SER A 53 5.49 19.55 -11.39
CA SER A 53 4.26 19.87 -10.67
C SER A 53 3.94 18.87 -9.54
N ILE A 54 4.85 17.96 -9.23
CA ILE A 54 4.61 16.90 -8.26
C ILE A 54 5.64 17.01 -7.17
N ALA A 55 5.19 17.11 -5.93
CA ALA A 55 6.10 17.04 -4.79
C ALA A 55 6.26 15.59 -4.41
N ILE A 56 7.48 15.11 -4.44
CA ILE A 56 7.80 13.71 -4.16
C ILE A 56 8.45 13.63 -2.79
N HIS A 57 8.02 12.68 -1.98
CA HIS A 57 8.62 12.41 -0.68
C HIS A 57 8.71 10.92 -0.55
N GLN A 58 9.92 10.38 -0.61
CA GLN A 58 10.09 8.94 -0.58
C GLN A 58 11.33 8.56 0.21
N ALA A 59 11.25 7.39 0.82
CA ALA A 59 12.35 6.84 1.60
C ALA A 59 11.97 5.42 2.01
N GLY A 60 12.96 4.53 2.08
CA GLY A 60 12.72 3.23 2.68
C GLY A 60 11.66 2.41 1.99
N GLU A 61 11.49 2.59 0.69
CA GLU A 61 10.54 1.91 -0.19
C GLU A 61 9.13 2.48 -0.10
N PHE A 62 8.89 3.55 0.64
CA PHE A 62 7.62 4.26 0.64
C PHE A 62 7.75 5.50 -0.24
N THR A 63 6.88 5.64 -1.23
CA THR A 63 6.82 6.83 -2.09
C THR A 63 5.48 7.51 -1.95
N GLN A 64 5.52 8.83 -1.73
CA GLN A 64 4.36 9.69 -1.80
C GLN A 64 4.52 10.74 -2.90
N PHE A 65 3.47 10.89 -3.70
CA PHE A 65 3.34 11.96 -4.68
CA PHE A 65 3.35 11.95 -4.67
C PHE A 65 2.26 12.90 -4.20
N ARG A 66 2.54 14.19 -4.18
CA ARG A 66 1.52 15.20 -3.93
C ARG A 66 1.43 16.07 -5.19
N PHE A 67 0.30 15.96 -5.89
CA PHE A 67 0.07 16.68 -7.13
C PHE A 67 -0.40 18.10 -6.86
N SER A 68 -0.20 18.97 -7.84
CA SER A 68 -0.53 20.38 -7.73
C SER A 68 -1.97 20.69 -8.05
N LYS A 69 -2.71 19.71 -8.53
CA LYS A 69 -4.14 19.87 -8.81
C LYS A 69 -4.85 18.64 -8.29
N LYS A 70 -6.16 18.76 -8.17
CA LYS A 70 -6.99 17.64 -7.77
C LYS A 70 -7.03 16.63 -8.90
N MET A 71 -6.40 15.49 -8.67
CA MET A 71 -6.33 14.41 -9.64
C MET A 71 -7.51 13.46 -9.53
N ARG A 72 -8.01 13.27 -8.32
CA ARG A 72 -9.15 12.38 -8.05
C ARG A 72 -10.13 13.14 -7.18
N PRO A 73 -10.80 14.15 -7.75
CA PRO A 73 -11.68 15.02 -6.96
C PRO A 73 -12.88 14.29 -6.42
N ASP A 74 -13.14 13.08 -6.90
CA ASP A 74 -14.20 12.25 -6.35
C ASP A 74 -13.94 11.80 -4.90
N LEU A 75 -12.70 11.90 -4.41
CA LEU A 75 -12.33 11.27 -3.15
C LEU A 75 -12.31 12.26 -1.98
N THR A 76 -12.65 11.76 -0.81
CA THR A 76 -12.36 12.48 0.43
C THR A 76 -10.93 12.18 0.84
N GLY A 77 -10.34 13.10 1.60
CA GLY A 77 -9.03 12.83 2.18
C GLY A 77 -9.18 11.89 3.35
N MET A 78 -8.37 10.85 3.39
CA MET A 78 -8.32 9.98 4.54
C MET A 78 -6.97 10.09 5.24
N VAL A 79 -6.90 9.50 6.41
CA VAL A 79 -5.71 9.60 7.26
C VAL A 79 -4.68 8.57 6.80
N LEU A 80 -3.47 9.05 6.56
CA LEU A 80 -2.30 8.21 6.34
C LEU A 80 -1.47 8.26 7.61
N GLU A 81 -1.32 7.10 8.25
CA GLU A 81 -0.50 6.98 9.45
C GLU A 81 0.82 6.33 9.13
N GLU A 82 1.82 6.63 9.96
CA GLU A 82 3.18 6.13 9.78
C GLU A 82 3.31 4.76 10.45
N GLY A 83 2.68 3.78 9.83
CA GLY A 83 2.55 2.45 10.41
C GLY A 83 1.38 2.40 11.36
N CYS A 84 1.20 1.24 11.98
CA CYS A 84 0.09 1.05 12.90
C CYS A 84 0.57 0.34 14.17
N PRO A 85 -0.24 0.30 15.23
CA PRO A 85 0.18 -0.40 16.44
C PRO A 85 0.40 -1.88 16.17
N GLU A 86 1.38 -2.45 16.87
CA GLU A 86 1.52 -3.89 16.89
C GLU A 86 0.19 -4.53 17.24
N GLY A 87 -0.14 -5.61 16.54
CA GLY A 87 -1.34 -6.35 16.78
C GLY A 87 -2.53 -5.88 15.97
N THR A 88 -2.42 -4.75 15.28
CA THR A 88 -3.49 -4.31 14.41
C THR A 88 -3.72 -5.36 13.34
N VAL A 89 -4.98 -5.63 13.03
CA VAL A 89 -5.33 -6.45 11.88
C VAL A 89 -5.56 -5.48 10.73
N CYS A 90 -4.70 -5.55 9.73
CA CYS A 90 -4.85 -4.78 8.51
C CYS A 90 -5.46 -5.63 7.43
N SER A 91 -6.01 -4.94 6.44
CA SER A 91 -6.41 -5.55 5.18
CA SER A 91 -6.41 -5.54 5.18
C SER A 91 -5.51 -4.98 4.09
N VAL A 92 -4.89 -5.86 3.33
CA VAL A 92 -4.11 -5.44 2.17
C VAL A 92 -5.08 -5.45 0.99
N LEU A 93 -5.26 -4.29 0.36
CA LEU A 93 -6.28 -4.15 -0.67
C LEU A 93 -5.69 -4.54 -2.02
N ILE A 94 -5.61 -5.85 -2.24
CA ILE A 94 -5.10 -6.41 -3.48
C ILE A 94 -6.21 -6.37 -4.50
N LYS A 95 -5.89 -5.84 -5.66
CA LYS A 95 -6.75 -5.90 -6.83
C LYS A 95 -6.14 -6.78 -7.88
N ARG A 96 -6.97 -7.55 -8.57
CA ARG A 96 -6.55 -8.28 -9.74
C ARG A 96 -6.76 -7.41 -10.98
N ASP A 97 -6.08 -7.80 -12.05
CA ASP A 97 -6.25 -7.08 -13.31
C ASP A 97 -7.71 -7.02 -13.76
N SER A 98 -8.51 -8.04 -13.44
CA SER A 98 -9.91 -8.03 -13.83
C SER A 98 -10.73 -6.99 -13.09
N GLY A 99 -10.20 -6.44 -11.99
CA GLY A 99 -10.96 -5.58 -11.11
C GLY A 99 -11.48 -6.29 -9.89
N GLU A 100 -11.33 -7.61 -9.82
CA GLU A 100 -11.70 -8.37 -8.63
C GLU A 100 -10.91 -7.87 -7.43
N LEU A 101 -11.62 -7.77 -6.31
CA LEU A 101 -11.06 -7.24 -5.07
C LEU A 101 -10.71 -8.38 -4.12
N LEU A 102 -9.48 -8.39 -3.62
CA LEU A 102 -9.01 -9.47 -2.75
C LEU A 102 -8.41 -8.90 -1.49
N PRO A 103 -9.23 -8.55 -0.50
CA PRO A 103 -8.66 -8.08 0.77
C PRO A 103 -7.96 -9.23 1.48
N LEU A 104 -6.72 -8.99 1.87
CA LEU A 104 -5.92 -10.01 2.53
C LEU A 104 -5.68 -9.56 3.97
N ALA A 105 -6.17 -10.32 4.94
CA ALA A 105 -6.04 -9.97 6.34
C ALA A 105 -4.65 -10.33 6.84
N VAL A 106 -4.05 -9.44 7.62
CA VAL A 106 -2.69 -9.57 8.13
C VAL A 106 -2.65 -9.05 9.56
N ARG A 107 -2.00 -9.79 10.45
CA ARG A 107 -1.76 -9.34 11.82
C ARG A 107 -0.39 -8.67 11.86
N MET A 108 -0.36 -7.39 12.24
CA MET A 108 0.86 -6.62 12.13
C MET A 108 1.77 -6.78 13.34
N GLY A 109 3.06 -6.74 13.06
CA GLY A 109 4.09 -6.77 14.07
C GLY A 109 4.81 -5.46 14.19
N ALA A 110 6.12 -5.50 14.32
CA ALA A 110 6.88 -4.31 14.68
C ALA A 110 7.33 -3.52 13.44
N ILE A 111 7.43 -2.21 13.64
CA ILE A 111 8.07 -1.31 12.67
C ILE A 111 9.57 -1.36 12.88
N ALA A 112 10.32 -1.51 11.79
CA ALA A 112 11.77 -1.66 11.88
C ALA A 112 12.40 -1.28 10.55
N SER A 113 13.70 -1.01 10.59
CA SER A 113 14.51 -0.89 9.39
C SER A 113 15.01 -2.27 9.03
N MET A 114 15.01 -2.57 7.74
CA MET A 114 15.37 -3.89 7.24
C MET A 114 16.10 -3.66 5.92
N ARG A 115 16.99 -4.57 5.57
CA ARG A 115 17.59 -4.59 4.25
C ARG A 115 16.97 -5.77 3.51
N ILE A 116 16.29 -5.47 2.42
CA ILE A 116 15.64 -6.48 1.59
C ILE A 116 16.20 -6.33 0.18
N GLN A 117 16.83 -7.39 -0.31
CA GLN A 117 17.44 -7.38 -1.64
C GLN A 117 18.35 -6.17 -1.84
N GLY A 118 19.13 -5.83 -0.82
CA GLY A 118 20.10 -4.75 -0.94
C GLY A 118 19.55 -3.35 -0.88
N ARG A 119 18.28 -3.18 -0.50
CA ARG A 119 17.66 -1.87 -0.33
C ARG A 119 17.20 -1.72 1.10
N LEU A 120 17.47 -0.55 1.68
CA LEU A 120 16.97 -0.25 3.01
C LEU A 120 15.46 -0.04 2.92
N VAL A 121 14.72 -0.76 3.77
CA VAL A 121 13.27 -0.67 3.83
C VAL A 121 12.89 -0.24 5.23
N HIS A 122 12.03 0.75 5.31
CA HIS A 122 11.48 1.19 6.59
C HIS A 122 10.08 0.61 6.57
N GLY A 123 9.87 -0.45 7.32
CA GLY A 123 8.67 -1.22 7.11
C GLY A 123 8.10 -1.75 8.41
N GLN A 124 6.97 -2.39 8.26
CA GLN A 124 6.30 -3.08 9.33
C GLN A 124 6.03 -4.49 8.82
N SER A 125 6.46 -5.47 9.58
CA SER A 125 6.22 -6.87 9.24
CA SER A 125 6.21 -6.86 9.22
C SER A 125 4.85 -7.29 9.78
N GLY A 126 4.33 -8.36 9.20
CA GLY A 126 3.08 -8.94 9.65
C GLY A 126 3.00 -10.38 9.21
N MET A 127 2.01 -11.08 9.74
CA MET A 127 1.74 -12.46 9.37
C MET A 127 0.35 -12.54 8.78
N LEU A 128 0.21 -13.25 7.67
CA LEU A 128 -1.11 -13.48 7.11
C LEU A 128 -2.02 -14.09 8.17
N LEU A 129 -3.25 -13.59 8.25
CA LEU A 129 -4.21 -14.06 9.25
C LEU A 129 -5.11 -15.08 8.55
N THR A 130 -4.66 -16.34 8.61
CA THR A 130 -5.30 -17.43 7.88
C THR A 130 -6.78 -17.52 8.21
N GLY A 131 -7.11 -17.27 9.46
CA GLY A 131 -8.48 -17.41 9.92
C GLY A 131 -9.43 -16.37 9.36
N ALA A 132 -8.91 -15.35 8.69
CA ALA A 132 -9.74 -14.28 8.16
C ALA A 132 -9.65 -14.19 6.65
N ASN A 133 -9.01 -15.14 5.99
CA ASN A 133 -8.91 -15.17 4.54
C ASN A 133 -9.55 -16.46 4.04
N ALA A 134 -10.09 -16.42 2.83
CA ALA A 134 -10.68 -17.63 2.25
C ALA A 134 -9.67 -18.76 2.27
N LYS A 135 -10.18 -19.97 2.46
CA LYS A 135 -9.31 -21.13 2.49
C LYS A 135 -8.48 -21.18 1.22
N GLY A 136 -7.17 -21.36 1.39
CA GLY A 136 -6.28 -21.47 0.26
C GLY A 136 -5.80 -20.15 -0.30
N MET A 137 -6.27 -19.02 0.22
CA MET A 137 -5.81 -17.72 -0.25
C MET A 137 -4.64 -17.28 0.61
N ASP A 138 -3.43 -17.54 0.14
CA ASP A 138 -2.23 -17.34 0.93
C ASP A 138 -1.09 -16.95 0.00
N LEU A 139 0.14 -16.95 0.51
CA LEU A 139 1.25 -16.45 -0.28
C LEU A 139 1.49 -17.29 -1.52
N GLY A 140 1.13 -18.56 -1.49
CA GLY A 140 1.34 -19.42 -2.64
C GLY A 140 0.34 -19.25 -3.75
N THR A 141 -0.67 -18.39 -3.58
CA THR A 141 -1.75 -18.25 -4.54
C THR A 141 -2.13 -16.82 -4.87
N ILE A 142 -1.71 -15.83 -4.10
CA ILE A 142 -2.10 -14.44 -4.41
C ILE A 142 -1.24 -13.95 -5.57
N PRO A 143 -1.67 -12.92 -6.29
CA PRO A 143 -0.77 -12.30 -7.27
C PRO A 143 0.44 -11.76 -6.54
N GLY A 144 1.55 -11.66 -7.24
CA GLY A 144 2.78 -11.28 -6.59
C GLY A 144 3.14 -9.82 -6.75
N ASP A 145 2.15 -8.91 -6.94
CA ASP A 145 2.44 -7.50 -7.19
C ASP A 145 2.67 -6.75 -5.87
N CYS A 146 3.30 -5.57 -5.98
CA CYS A 146 3.56 -4.67 -4.86
C CYS A 146 2.83 -3.32 -5.02
N GLY A 147 2.73 -2.60 -3.91
CA GLY A 147 2.12 -1.28 -3.88
C GLY A 147 0.73 -1.24 -3.29
N ALA A 148 0.09 -2.38 -3.09
CA ALA A 148 -1.25 -2.38 -2.53
C ALA A 148 -1.25 -1.81 -1.13
N PRO A 149 -2.26 -1.05 -0.74
CA PRO A 149 -2.25 -0.40 0.58
C PRO A 149 -2.66 -1.35 1.67
N TYR A 150 -2.10 -1.10 2.85
CA TYR A 150 -2.49 -1.74 4.10
C TYR A 150 -3.40 -0.75 4.81
N VAL A 151 -4.63 -1.18 5.09
CA VAL A 151 -5.61 -0.30 5.72
C VAL A 151 -6.17 -1.00 6.96
N HIS A 152 -6.73 -0.20 7.86
CA HIS A 152 -7.42 -0.74 9.01
C HIS A 152 -8.45 0.27 9.48
N LYS A 153 -9.38 -0.18 10.29
CA LYS A 153 -10.46 0.67 10.75
C LYS A 153 -10.11 1.29 12.10
N ARG A 154 -10.21 2.61 12.17
CA ARG A 154 -10.09 3.36 13.42
C ARG A 154 -11.51 3.81 13.74
N GLY A 155 -12.08 3.24 14.79
CA GLY A 155 -13.51 3.43 14.99
C GLY A 155 -14.25 2.85 13.80
N ASN A 156 -15.00 3.73 13.12
CA ASN A 156 -15.73 3.37 11.91
C ASN A 156 -15.01 3.80 10.64
N ASP A 157 -13.86 4.47 10.73
CA ASP A 157 -13.21 5.10 9.59
C ASP A 157 -11.98 4.32 9.17
N TRP A 158 -11.76 4.21 7.88
CA TRP A 158 -10.59 3.54 7.37
C TRP A 158 -9.39 4.47 7.35
N VAL A 159 -8.25 3.94 7.76
CA VAL A 159 -6.95 4.60 7.78
CA VAL A 159 -7.01 4.68 7.61
C VAL A 159 -6.02 3.77 6.90
N VAL A 160 -5.05 4.39 6.25
CA VAL A 160 -4.04 3.68 5.49
C VAL A 160 -2.71 3.85 6.23
N CYS A 161 -1.95 2.77 6.32
CA CYS A 161 -0.72 2.81 7.10
C CYS A 161 0.51 2.25 6.42
N GLY A 162 0.42 1.79 5.19
CA GLY A 162 1.60 1.32 4.50
C GLY A 162 1.25 0.80 3.12
N VAL A 163 2.28 0.38 2.39
CA VAL A 163 2.14 -0.15 1.05
C VAL A 163 2.94 -1.46 0.94
N HIS A 164 2.39 -2.43 0.23
CA HIS A 164 3.00 -3.76 0.19
C HIS A 164 4.35 -3.72 -0.50
N ALA A 165 5.36 -4.24 0.17
CA ALA A 165 6.72 -4.20 -0.35
C ALA A 165 7.40 -5.56 -0.48
N ALA A 166 7.12 -6.53 0.38
CA ALA A 166 7.90 -7.77 0.39
C ALA A 166 7.11 -8.86 1.09
N ALA A 167 7.53 -10.09 0.87
CA ALA A 167 6.91 -11.23 1.51
C ALA A 167 7.88 -12.39 1.51
N THR A 168 7.65 -13.35 2.40
CA THR A 168 8.40 -14.59 2.41
C THR A 168 7.51 -15.70 2.92
N LYS A 169 7.63 -16.87 2.29
CA LYS A 169 6.87 -18.02 2.77
C LYS A 169 7.30 -18.42 4.17
N SER A 170 8.54 -18.10 4.54
CA SER A 170 9.03 -18.40 5.89
C SER A 170 8.24 -17.59 6.90
N GLY A 171 7.41 -18.27 7.68
CA GLY A 171 6.59 -17.60 8.65
C GLY A 171 5.39 -16.90 8.08
N ASN A 172 5.11 -17.08 6.79
CA ASN A 172 3.91 -16.51 6.18
C ASN A 172 3.87 -15.00 6.40
N THR A 173 5.00 -14.35 6.11
CA THR A 173 5.30 -13.00 6.55
C THR A 173 5.24 -12.03 5.38
N VAL A 174 4.68 -10.86 5.63
CA VAL A 174 4.63 -9.79 4.67
C VAL A 174 5.28 -8.56 5.30
N VAL A 175 5.69 -7.63 4.45
CA VAL A 175 6.23 -6.36 4.89
C VAL A 175 5.57 -5.25 4.10
N CYS A 176 5.05 -4.25 4.80
CA CYS A 176 4.67 -3.01 4.14
C CYS A 176 5.68 -1.93 4.44
N ALA A 177 5.98 -1.14 3.43
CA ALA A 177 6.77 0.05 3.66
C ALA A 177 5.90 1.10 4.32
N VAL A 178 6.50 1.91 5.18
CA VAL A 178 5.75 2.90 5.94
C VAL A 178 6.43 4.25 5.79
N GLN A 179 5.62 5.30 5.85
CA GLN A 179 6.10 6.66 5.70
C GLN A 179 6.84 7.10 6.95
N ALA A 180 7.84 7.95 6.75
CA ALA A 180 8.58 8.51 7.87
C ALA A 180 8.36 10.02 7.96
CL CL B . -13.32 6.14 0.91
CL CL C . 14.38 6.81 -2.26
CL CL D . 1.73 4.07 -14.83
C32 5LJ E . 12.44 -11.20 1.53
O41 5LJ E . 13.59 -10.98 1.36
O33 5LJ E . 11.88 -11.43 2.82
C34 5LJ E . 12.76 -11.45 3.92
C35 5LJ E . 12.18 -10.53 5.04
C36 5LJ E . 12.89 -9.37 5.44
C37 5LJ E . 12.37 -8.54 6.44
C38 5LJ E . 11.14 -8.87 7.06
C39 5LJ E . 10.43 -10.03 6.66
C40 5LJ E . 10.95 -10.86 5.66
N19 5LJ E . 4.71 -12.16 -3.48
C20 5LJ E . 3.52 -12.98 -3.15
C21 5LJ E . 4.00 -14.12 -2.13
C22 5LJ E . 4.98 -15.09 -2.79
C23 5LJ E . 5.95 -15.80 -1.73
C24 5LJ E . 7.13 -14.93 -1.39
C25 5LJ E . 8.03 -14.76 -2.60
N26 5LJ E . 9.31 -14.20 -2.17
C27 5LJ E . 9.93 -13.04 -2.56
C28 5LJ E . 11.19 -12.89 -1.87
C29 5LJ E . 12.26 -11.74 -1.95
C30 5LJ E . 11.98 -10.67 -0.92
N31 5LJ E . 11.53 -11.25 0.37
C42 5LJ E . 10.88 -9.76 -1.41
O43 5LJ E . 9.73 -9.79 -1.09
N44 5LJ E . 11.23 -13.99 -1.11
N45 5LJ E . 10.14 -14.74 -1.29
N14 5LJ E . 11.37 -8.80 -2.38
C06 5LJ E . 10.43 -7.82 -2.91
C05 5LJ E . 9.38 -8.45 -3.74
O15 5LJ E . 9.51 -9.38 -4.41
C07 5LJ E . 11.16 -6.81 -3.82
C08 5LJ E . 12.20 -5.90 -3.06
C09 5LJ E . 11.55 -5.16 -1.91
C10 5LJ E . 12.51 -4.14 -1.29
C11 5LJ E . 13.05 -3.15 -2.32
C12 5LJ E . 13.74 -3.90 -3.44
C13 5LJ E . 12.79 -4.92 -4.09
N04 5LJ E . 8.10 -7.74 -3.62
C03 5LJ E . 6.94 -8.12 -4.41
C16 5LJ E . 5.87 -8.73 -3.54
C17 5LJ E . 6.21 -10.20 -3.24
C18 5LJ E . 4.96 -10.92 -2.83
O46 5LJ E . 4.20 -10.49 -2.02
C02 5LJ E . 6.47 -6.83 -5.08
O01 5LJ E . 7.31 -6.27 -5.95
#